data_4YQJ
#
_entry.id   4YQJ
#
_cell.length_a   93.859
_cell.length_b   93.859
_cell.length_c   177.633
_cell.angle_alpha   90.000
_cell.angle_beta   90.000
_cell.angle_gamma   120.000
#
_symmetry.space_group_name_H-M   'H 3 2'
#
loop_
_entity.id
_entity.type
_entity.pdbx_description
1 polymer 'tRNA (guanine-N(1)-)-methyltransferase'
2 non-polymer 4-amino-2-(cyclopentylamino)pyrimidine-5-carboxamide
3 water water
#
_entity_poly.entity_id   1
_entity_poly.type   'polypeptide(L)'
_entity_poly.pdbx_seq_one_letter_code
;GLVPRGSHMWIGVISLFPEMFKAITEFGVTGRAVKHNLLKVECWNPRDFTFDKHKTVDDRPYGGGPGMLMMVQPLRDAIH
TAKAAAGEGAKVIYLSPQGRKLDQGGVTELAQNQKLILVCGRYEGIDERLIQTEIDEEWSIGDYVLTGGELPAMTLIDAV
ARFIPGVLGKQASAEEDSFADGLLDCPHYTRPEVLEGLTVPPVLMSGHHEEIRKWRLKQSLQRTWLRRPELLEGLALTDE
QRKLLKEAQAEHNS
;
_entity_poly.pdbx_strand_id   A
#
loop_
_chem_comp.id
_chem_comp.type
_chem_comp.name
_chem_comp.formula
4GT non-polymer 4-amino-2-(cyclopentylamino)pyrimidine-5-carboxamide 'C10 H15 N5 O'
#
# COMPACT_ATOMS: atom_id res chain seq x y z
N SER A 7 11.76 -15.53 4.60
CA SER A 7 11.74 -14.99 3.25
C SER A 7 11.54 -13.48 3.30
N HIS A 8 12.64 -12.76 3.19
CA HIS A 8 12.57 -11.32 3.26
C HIS A 8 12.31 -10.66 1.90
N MET A 9 12.22 -9.35 1.93
CA MET A 9 11.84 -8.59 0.76
C MET A 9 12.84 -7.44 0.57
N TRP A 10 13.23 -7.22 -0.67
CA TRP A 10 14.10 -6.07 -0.99
C TRP A 10 13.32 -5.13 -1.89
N ILE A 11 13.32 -3.85 -1.54
CA ILE A 11 12.59 -2.84 -2.28
CA ILE A 11 12.60 -2.88 -2.33
C ILE A 11 13.54 -1.72 -2.68
N GLY A 12 13.78 -1.59 -3.97
CA GLY A 12 14.56 -0.49 -4.51
C GLY A 12 13.59 0.67 -4.71
N VAL A 13 14.03 1.88 -4.43
CA VAL A 13 13.17 3.04 -4.58
C VAL A 13 13.91 4.11 -5.37
N ILE A 14 13.23 4.64 -6.38
CA ILE A 14 13.80 5.75 -7.12
C ILE A 14 13.01 7.03 -6.75
N SER A 15 13.67 8.00 -6.14
CA SER A 15 12.98 9.17 -5.56
C SER A 15 13.89 10.36 -5.43
N LEU A 16 13.37 11.55 -5.73
CA LEU A 16 14.06 12.82 -5.51
C LEU A 16 14.11 13.19 -4.02
N PHE A 17 13.34 12.46 -3.22
CA PHE A 17 13.27 12.76 -1.77
C PHE A 17 13.41 11.51 -0.93
N PRO A 18 14.56 10.83 -1.03
CA PRO A 18 14.73 9.56 -0.33
C PRO A 18 14.55 9.69 1.20
N GLU A 19 14.80 10.85 1.79
CA GLU A 19 14.62 11.00 3.23
C GLU A 19 13.17 10.84 3.67
N MET A 20 12.23 10.99 2.75
CA MET A 20 10.81 10.74 3.14
C MET A 20 10.63 9.33 3.63
N PHE A 21 11.43 8.41 3.06
CA PHE A 21 11.23 7.01 3.41
C PHE A 21 11.64 6.66 4.86
N LYS A 22 12.35 7.55 5.55
CA LYS A 22 12.52 7.38 7.00
C LYS A 22 11.23 7.16 7.75
N ALA A 23 10.14 7.71 7.22
CA ALA A 23 8.83 7.55 7.85
C ALA A 23 8.51 6.07 7.97
N ILE A 24 8.91 5.24 7.01
CA ILE A 24 8.62 3.83 7.24
C ILE A 24 9.85 3.08 7.73
N THR A 25 11.06 3.54 7.40
CA THR A 25 12.21 2.70 7.78
C THR A 25 12.67 2.95 9.24
N GLU A 26 12.21 4.02 9.86
CA GLU A 26 12.70 4.34 11.21
C GLU A 26 11.67 4.18 12.32
N PHE A 27 10.42 3.86 11.97
CA PHE A 27 9.33 3.88 12.95
C PHE A 27 8.39 2.69 12.89
N GLY A 28 7.95 2.25 14.07
CA GLY A 28 6.85 1.30 14.13
C GLY A 28 7.21 -0.06 13.60
N VAL A 29 6.17 -0.81 13.20
CA VAL A 29 6.34 -2.18 12.72
C VAL A 29 7.29 -2.27 11.54
N THR A 30 7.18 -1.32 10.64
CA THR A 30 8.01 -1.36 9.44
C THR A 30 9.45 -1.00 9.81
N GLY A 31 9.62 -0.10 10.78
CA GLY A 31 10.96 0.29 11.22
C GLY A 31 11.67 -0.92 11.84
N ARG A 32 10.89 -1.68 12.60
CA ARG A 32 11.45 -2.89 13.19
C ARG A 32 11.80 -3.90 12.10
N ALA A 33 10.93 -4.04 11.10
CA ALA A 33 11.21 -4.98 10.00
C ALA A 33 12.53 -4.64 9.32
N VAL A 34 12.78 -3.36 9.13
CA VAL A 34 14.04 -2.90 8.50
C VAL A 34 15.24 -3.20 9.41
N LYS A 35 15.14 -2.80 10.68
CA LYS A 35 16.23 -3.02 11.63
C LYS A 35 16.60 -4.49 11.72
N HIS A 36 15.60 -5.35 11.69
CA HIS A 36 15.80 -6.80 11.81
C HIS A 36 16.10 -7.48 10.47
N ASN A 37 16.32 -6.68 9.42
CA ASN A 37 16.67 -7.21 8.08
C ASN A 37 15.61 -8.10 7.44
N LEU A 38 14.36 -7.93 7.85
CA LEU A 38 13.27 -8.64 7.20
C LEU A 38 12.87 -7.91 5.91
N LEU A 39 13.05 -6.59 5.94
CA LEU A 39 12.68 -5.71 4.85
C LEU A 39 13.90 -4.86 4.58
N LYS A 40 14.30 -4.74 3.32
CA LYS A 40 15.38 -3.85 3.01
C LYS A 40 14.87 -2.83 2.01
N VAL A 41 15.12 -1.56 2.31
CA VAL A 41 14.68 -0.49 1.44
C VAL A 41 15.93 0.28 1.04
N GLU A 42 16.13 0.36 -0.27
CA GLU A 42 17.34 1.00 -0.78
C GLU A 42 16.94 2.11 -1.78
N CYS A 43 17.42 3.34 -1.60
CA CYS A 43 16.95 4.46 -2.45
C CYS A 43 18.05 4.99 -3.40
N TRP A 44 17.64 5.34 -4.62
CA TRP A 44 18.54 6.06 -5.56
C TRP A 44 17.84 7.35 -5.92
N ASN A 45 18.58 8.46 -5.87
CA ASN A 45 18.05 9.80 -6.15
C ASN A 45 18.52 10.25 -7.54
N PRO A 46 17.61 10.49 -8.49
CA PRO A 46 18.00 11.01 -9.83
C PRO A 46 18.93 12.22 -9.71
N ARG A 47 18.81 13.00 -8.65
CA ARG A 47 19.70 14.14 -8.51
C ARG A 47 21.17 13.74 -8.49
N ASP A 48 21.46 12.58 -7.93
CA ASP A 48 22.85 12.12 -7.91
C ASP A 48 23.39 11.69 -9.30
N PHE A 49 22.49 11.55 -10.28
CA PHE A 49 22.89 11.11 -11.64
C PHE A 49 22.88 12.26 -12.63
N THR A 50 22.75 13.51 -12.12
CA THR A 50 22.83 14.68 -13.01
C THR A 50 24.29 15.01 -13.24
N PHE A 51 24.56 15.77 -14.30
CA PHE A 51 25.92 16.23 -14.57
C PHE A 51 26.07 17.74 -14.68
N ASP A 52 24.95 18.47 -14.75
CA ASP A 52 25.08 19.93 -14.92
C ASP A 52 25.29 20.54 -13.54
N LYS A 53 25.76 21.78 -13.54
CA LYS A 53 26.15 22.44 -12.30
C LYS A 53 24.97 22.61 -11.33
N HIS A 54 23.76 22.78 -11.85
CA HIS A 54 22.61 22.98 -10.95
C HIS A 54 21.81 21.72 -10.72
N LYS A 55 22.38 20.59 -11.11
CA LYS A 55 21.81 19.28 -10.76
C LYS A 55 20.32 19.22 -11.14
N THR A 56 20.06 19.50 -12.42
CA THR A 56 18.70 19.68 -12.89
C THR A 56 18.00 18.35 -13.06
N VAL A 57 16.81 18.22 -12.45
CA VAL A 57 16.11 16.96 -12.50
C VAL A 57 14.74 17.07 -13.15
N ASP A 58 14.38 18.27 -13.66
CA ASP A 58 13.12 18.40 -14.39
C ASP A 58 13.36 18.91 -15.80
N ASP A 59 12.34 18.89 -16.65
CA ASP A 59 12.54 19.26 -18.06
C ASP A 59 11.14 19.62 -18.61
N ARG A 60 11.13 20.39 -19.69
CA ARG A 60 9.91 20.93 -20.29
C ARG A 60 9.20 19.88 -21.13
N PRO A 61 7.87 19.84 -21.03
CA PRO A 61 7.15 18.85 -21.81
C PRO A 61 7.05 19.25 -23.28
N TYR A 62 7.23 18.32 -24.19
CA TYR A 62 6.93 18.65 -25.57
C TYR A 62 5.46 18.98 -25.65
N GLY A 63 5.14 19.96 -26.46
CA GLY A 63 3.76 20.35 -26.67
C GLY A 63 3.32 21.47 -25.75
N GLY A 64 4.14 21.80 -24.77
CA GLY A 64 3.78 22.84 -23.82
C GLY A 64 2.95 22.31 -22.69
N GLY A 65 2.53 23.20 -21.80
CA GLY A 65 1.75 22.78 -20.66
C GLY A 65 2.10 23.58 -19.44
N PRO A 66 1.33 23.42 -18.38
CA PRO A 66 1.61 24.19 -17.17
C PRO A 66 2.96 23.82 -16.56
N GLY A 67 3.18 22.53 -16.36
CA GLY A 67 4.24 22.09 -15.48
C GLY A 67 5.46 21.52 -16.17
N MET A 68 6.25 20.82 -15.37
CA MET A 68 7.46 20.20 -15.87
C MET A 68 7.29 18.70 -15.74
N LEU A 69 8.18 17.95 -16.37
CA LEU A 69 8.26 16.52 -16.16
C LEU A 69 9.58 16.20 -15.53
N MET A 70 9.73 14.96 -15.04
CA MET A 70 11.05 14.58 -14.61
CA MET A 70 11.03 14.47 -14.64
C MET A 70 11.96 14.46 -15.85
N MET A 71 13.18 14.94 -15.67
CA MET A 71 14.17 14.87 -16.77
C MET A 71 14.49 13.40 -17.06
N VAL A 72 14.59 13.03 -18.34
CA VAL A 72 14.73 11.60 -18.65
C VAL A 72 16.10 11.02 -18.21
N GLN A 73 17.20 11.65 -18.58
CA GLN A 73 18.52 11.04 -18.38
C GLN A 73 18.86 10.69 -16.89
N PRO A 74 18.69 11.64 -15.96
CA PRO A 74 19.00 11.30 -14.56
C PRO A 74 18.09 10.20 -14.04
N LEU A 75 16.82 10.22 -14.43
CA LEU A 75 15.85 9.24 -13.94
C LEU A 75 16.10 7.88 -14.53
N ARG A 76 16.41 7.88 -15.83
CA ARG A 76 16.73 6.62 -16.52
C ARG A 76 17.98 6.00 -15.92
N ASP A 77 19.01 6.80 -15.65
CA ASP A 77 20.27 6.29 -15.14
C ASP A 77 20.05 5.75 -13.70
N ALA A 78 19.24 6.45 -12.93
CA ALA A 78 18.93 5.94 -11.58
C ALA A 78 18.24 4.60 -11.64
N ILE A 79 17.26 4.49 -12.54
CA ILE A 79 16.53 3.22 -12.68
C ILE A 79 17.51 2.08 -13.08
N HIS A 80 18.39 2.37 -14.04
CA HIS A 80 19.32 1.34 -14.49
C HIS A 80 20.21 0.89 -13.35
N THR A 81 20.62 1.84 -12.51
CA THR A 81 21.47 1.50 -11.38
C THR A 81 20.73 0.63 -10.36
N ALA A 82 19.48 0.97 -10.07
CA ALA A 82 18.69 0.13 -9.17
C ALA A 82 18.53 -1.28 -9.74
N LYS A 83 18.33 -1.36 -11.07
CA LYS A 83 18.08 -2.68 -11.70
C LYS A 83 19.36 -3.49 -11.57
N ALA A 84 20.50 -2.84 -11.75
CA ALA A 84 21.79 -3.55 -11.64
C ALA A 84 22.00 -4.02 -10.22
N ALA A 85 21.69 -3.17 -9.25
CA ALA A 85 21.76 -3.60 -7.83
C ALA A 85 20.82 -4.77 -7.52
N ALA A 86 19.64 -4.79 -8.13
CA ALA A 86 18.61 -5.78 -7.81
C ALA A 86 18.95 -7.16 -8.31
N GLY A 87 19.65 -7.19 -9.43
CA GLY A 87 19.94 -8.44 -10.11
C GLY A 87 18.67 -8.94 -10.76
N GLU A 88 18.59 -10.24 -11.00
CA GLU A 88 17.51 -10.80 -11.82
C GLU A 88 16.22 -10.95 -11.04
N GLY A 89 15.10 -10.83 -11.74
CA GLY A 89 13.80 -11.10 -11.16
C GLY A 89 13.11 -9.97 -10.37
N ALA A 90 13.65 -8.74 -10.43
CA ALA A 90 12.93 -7.62 -9.80
C ALA A 90 11.83 -7.07 -10.68
N LYS A 91 10.66 -6.85 -10.13
CA LYS A 91 9.55 -6.27 -10.89
C LYS A 91 9.65 -4.76 -10.72
N VAL A 92 9.65 -4.01 -11.83
CA VAL A 92 9.78 -2.56 -11.74
C VAL A 92 8.37 -1.91 -11.86
N ILE A 93 8.03 -1.09 -10.86
CA ILE A 93 6.69 -0.53 -10.77
C ILE A 93 6.74 0.97 -10.80
N TYR A 94 5.89 1.60 -11.60
CA TYR A 94 5.71 3.03 -11.53
C TYR A 94 4.38 3.34 -10.86
N LEU A 95 4.39 4.23 -9.86
CA LEU A 95 3.11 4.55 -9.22
C LEU A 95 2.44 5.76 -9.81
N SER A 96 1.20 5.62 -10.26
CA SER A 96 0.47 6.82 -10.71
C SER A 96 -1.01 6.53 -10.70
N PRO A 97 -1.86 7.59 -10.83
CA PRO A 97 -3.31 7.41 -10.89
C PRO A 97 -3.73 6.61 -12.14
N GLN A 98 -2.82 6.46 -13.09
CA GLN A 98 -3.11 5.73 -14.34
C GLN A 98 -2.91 4.22 -14.15
N GLY A 99 -2.40 3.82 -13.00
CA GLY A 99 -2.12 2.40 -12.80
C GLY A 99 -3.29 1.60 -12.29
N ARG A 100 -3.08 0.30 -12.18
CA ARG A 100 -4.03 -0.64 -11.60
C ARG A 100 -4.34 -0.19 -10.16
N LYS A 101 -5.61 -0.11 -9.82
CA LYS A 101 -5.94 0.41 -8.51
C LYS A 101 -5.61 -0.65 -7.42
N LEU A 102 -4.81 -0.26 -6.43
CA LEU A 102 -4.43 -1.20 -5.38
C LEU A 102 -5.59 -1.59 -4.44
N ASP A 103 -5.74 -2.89 -4.18
CA ASP A 103 -6.60 -3.39 -3.10
C ASP A 103 -5.88 -4.55 -2.46
N GLN A 104 -6.50 -5.18 -1.48
CA GLN A 104 -5.77 -6.15 -0.66
C GLN A 104 -5.43 -7.38 -1.47
N GLY A 105 -6.26 -7.74 -2.47
CA GLY A 105 -5.86 -8.81 -3.36
C GLY A 105 -4.61 -8.41 -4.17
N GLY A 106 -4.58 -7.17 -4.61
CA GLY A 106 -3.39 -6.67 -5.30
C GLY A 106 -2.16 -6.68 -4.41
N VAL A 107 -2.32 -6.28 -3.14
CA VAL A 107 -1.20 -6.33 -2.21
C VAL A 107 -0.67 -7.77 -2.05
N THR A 108 -1.57 -8.72 -1.92
CA THR A 108 -1.12 -10.10 -1.71
C THR A 108 -0.39 -10.59 -2.98
N GLU A 109 -0.84 -10.16 -4.14
CA GLU A 109 -0.06 -10.47 -5.38
C GLU A 109 1.37 -9.86 -5.38
N LEU A 110 1.44 -8.57 -5.07
CA LEU A 110 2.73 -7.88 -5.03
C LEU A 110 3.65 -8.50 -3.99
N ALA A 111 3.06 -8.92 -2.85
CA ALA A 111 3.88 -9.45 -1.78
C ALA A 111 4.51 -10.79 -2.14
N GLN A 112 4.13 -11.38 -3.27
CA GLN A 112 4.80 -12.62 -3.71
C GLN A 112 6.19 -12.38 -4.32
N ASN A 113 6.54 -11.12 -4.59
CA ASN A 113 7.85 -10.80 -5.20
C ASN A 113 8.90 -10.63 -4.14
N GLN A 114 10.08 -11.18 -4.38
CA GLN A 114 11.18 -11.02 -3.41
C GLN A 114 11.85 -9.66 -3.57
N LYS A 115 11.74 -9.10 -4.76
CA LYS A 115 12.37 -7.82 -5.11
C LYS A 115 11.40 -6.96 -5.92
N LEU A 116 11.30 -5.70 -5.54
CA LEU A 116 10.50 -4.71 -6.26
C LEU A 116 11.37 -3.49 -6.45
N ILE A 117 11.23 -2.80 -7.57
CA ILE A 117 11.79 -1.47 -7.69
C ILE A 117 10.61 -0.50 -7.87
N LEU A 118 10.54 0.53 -7.05
CA LEU A 118 9.39 1.46 -7.10
C LEU A 118 9.84 2.80 -7.61
N VAL A 119 9.25 3.26 -8.71
CA VAL A 119 9.68 4.54 -9.26
C VAL A 119 8.69 5.62 -8.84
N CYS A 120 9.19 6.67 -8.17
CA CYS A 120 8.29 7.70 -7.64
C CYS A 120 8.30 8.92 -8.55
N GLY A 121 7.15 9.24 -9.12
CA GLY A 121 7.03 10.41 -9.99
C GLY A 121 6.95 11.70 -9.19
N ARG A 122 7.52 12.79 -9.74
CA ARG A 122 7.33 14.15 -9.23
C ARG A 122 6.96 15.08 -10.41
N TYR A 123 6.74 16.35 -10.10
CA TYR A 123 6.27 17.35 -11.07
C TYR A 123 5.02 16.81 -11.77
N GLU A 124 4.95 16.86 -13.10
CA GLU A 124 3.72 16.37 -13.72
C GLU A 124 3.82 14.91 -14.13
N GLY A 125 4.95 14.27 -13.83
CA GLY A 125 5.07 12.86 -14.14
C GLY A 125 6.34 12.53 -14.91
N ILE A 126 6.34 11.42 -15.63
CA ILE A 126 7.55 10.99 -16.35
C ILE A 126 7.24 10.72 -17.81
N ASP A 127 8.29 10.67 -18.64
CA ASP A 127 8.14 10.46 -20.06
C ASP A 127 7.47 9.12 -20.36
N GLU A 128 6.47 9.12 -21.20
CA GLU A 128 5.72 7.89 -21.50
C GLU A 128 6.64 6.77 -22.02
N ARG A 129 7.71 7.12 -22.74
CA ARG A 129 8.56 6.08 -23.28
C ARG A 129 9.38 5.37 -22.20
N LEU A 130 9.61 6.04 -21.07
CA LEU A 130 10.26 5.34 -19.94
C LEU A 130 9.30 4.30 -19.37
N ILE A 131 8.00 4.60 -19.38
CA ILE A 131 7.04 3.59 -18.92
C ILE A 131 7.11 2.41 -19.88
N GLN A 132 7.16 2.72 -21.17
CA GLN A 132 7.18 1.65 -22.15
C GLN A 132 8.45 0.83 -22.05
N THR A 133 9.60 1.49 -21.79
CA THR A 133 10.88 0.76 -21.86
C THR A 133 11.41 0.25 -20.51
N GLU A 134 10.98 0.83 -19.39
CA GLU A 134 11.60 0.48 -18.12
C GLU A 134 10.65 -0.11 -17.13
N ILE A 135 9.34 0.10 -17.33
CA ILE A 135 8.38 -0.26 -16.26
C ILE A 135 7.67 -1.56 -16.59
N ASP A 136 7.62 -2.45 -15.62
CA ASP A 136 6.88 -3.70 -15.80
C ASP A 136 5.39 -3.49 -15.55
N GLU A 137 5.08 -2.81 -14.45
CA GLU A 137 3.68 -2.60 -14.06
C GLU A 137 3.43 -1.20 -13.53
N GLU A 138 2.23 -0.71 -13.76
CA GLU A 138 1.80 0.59 -13.21
C GLU A 138 0.67 0.38 -12.19
N TRP A 139 0.82 0.95 -11.01
CA TRP A 139 -0.16 0.76 -9.88
C TRP A 139 -0.56 2.10 -9.30
N SER A 140 -1.83 2.24 -8.91
CA SER A 140 -2.32 3.41 -8.20
C SER A 140 -2.73 2.99 -6.78
N ILE A 141 -2.53 3.88 -5.79
CA ILE A 141 -3.04 3.55 -4.46
C ILE A 141 -4.50 4.03 -4.28
N GLY A 142 -5.01 4.73 -5.28
CA GLY A 142 -6.42 5.12 -5.26
C GLY A 142 -6.71 6.29 -6.21
N ASP A 143 -7.98 6.56 -6.45
CA ASP A 143 -8.38 7.58 -7.46
C ASP A 143 -8.32 9.01 -6.90
N TYR A 144 -7.12 9.45 -6.61
CA TYR A 144 -6.86 10.84 -6.17
C TYR A 144 -5.45 11.23 -6.55
N VAL A 145 -5.21 12.53 -6.58
CA VAL A 145 -3.96 13.12 -7.10
C VAL A 145 -3.12 13.70 -5.99
N LEU A 146 -1.86 13.32 -5.98
CA LEU A 146 -0.90 13.77 -5.00
C LEU A 146 0.25 14.52 -5.63
N THR A 147 1.11 15.14 -4.81
CA THR A 147 2.24 15.89 -5.33
C THR A 147 3.40 14.98 -5.72
N GLY A 148 3.36 13.72 -5.30
CA GLY A 148 4.45 12.80 -5.63
C GLY A 148 4.09 11.35 -5.36
N GLY A 149 4.84 10.44 -6.00
CA GLY A 149 4.63 9.02 -5.80
C GLY A 149 5.23 8.42 -4.52
N GLU A 150 5.92 9.23 -3.71
CA GLU A 150 6.58 8.66 -2.54
C GLU A 150 5.59 8.12 -1.49
N LEU A 151 4.54 8.88 -1.22
CA LEU A 151 3.56 8.37 -0.25
C LEU A 151 2.88 7.09 -0.79
N PRO A 152 2.51 7.08 -2.09
CA PRO A 152 2.06 5.81 -2.67
C PRO A 152 3.07 4.69 -2.54
N ALA A 153 4.36 4.97 -2.76
CA ALA A 153 5.37 3.89 -2.66
C ALA A 153 5.44 3.38 -1.21
N MET A 154 5.42 4.32 -0.27
CA MET A 154 5.48 3.90 1.15
C MET A 154 4.28 3.12 1.55
N THR A 155 3.13 3.54 1.05
CA THR A 155 1.88 2.85 1.34
C THR A 155 1.98 1.39 0.86
N LEU A 156 2.45 1.21 -0.37
CA LEU A 156 2.59 -0.10 -0.95
C LEU A 156 3.57 -0.93 -0.12
N ILE A 157 4.72 -0.33 0.25
CA ILE A 157 5.73 -1.01 1.05
C ILE A 157 5.15 -1.50 2.41
N ASP A 158 4.43 -0.61 3.06
CA ASP A 158 3.86 -0.94 4.38
C ASP A 158 2.86 -2.12 4.21
N ALA A 159 1.99 -2.03 3.19
CA ALA A 159 0.98 -3.06 2.94
C ALA A 159 1.63 -4.43 2.68
N VAL A 160 2.67 -4.48 1.83
CA VAL A 160 3.27 -5.77 1.53
C VAL A 160 4.16 -6.29 2.69
N ALA A 161 4.79 -5.38 3.40
CA ALA A 161 5.61 -5.74 4.55
C ALA A 161 4.81 -6.57 5.53
N ARG A 162 3.51 -6.32 5.64
CA ARG A 162 2.70 -7.11 6.59
C ARG A 162 2.69 -8.60 6.23
N PHE A 163 3.09 -8.92 5.00
CA PHE A 163 3.08 -10.32 4.60
C PHE A 163 4.40 -11.03 4.81
N ILE A 164 5.42 -10.29 5.22
CA ILE A 164 6.74 -10.89 5.42
C ILE A 164 6.74 -11.62 6.73
N PRO A 165 7.15 -12.91 6.76
CA PRO A 165 7.10 -13.61 8.04
C PRO A 165 7.97 -12.90 9.07
N GLY A 166 7.50 -12.78 10.32
CA GLY A 166 8.33 -12.12 11.32
C GLY A 166 7.96 -10.67 11.55
N VAL A 167 7.28 -10.06 10.59
CA VAL A 167 7.02 -8.64 10.70
C VAL A 167 5.87 -8.38 11.65
N LEU A 168 4.79 -9.15 11.55
CA LEU A 168 3.66 -8.98 12.47
C LEU A 168 3.81 -9.90 13.67
N GLY A 169 3.02 -9.65 14.72
CA GLY A 169 3.14 -10.43 15.94
C GLY A 169 2.68 -11.87 15.78
N ASP A 181 -10.35 -11.05 4.87
CA ASP A 181 -11.23 -12.06 4.31
C ASP A 181 -12.34 -11.41 3.50
N GLY A 182 -12.18 -10.14 3.18
CA GLY A 182 -13.08 -9.50 2.26
C GLY A 182 -14.08 -8.58 2.92
N LEU A 183 -14.18 -8.68 4.25
CA LEU A 183 -15.17 -7.93 5.01
C LEU A 183 -14.52 -6.79 5.79
N LEU A 184 -15.27 -5.73 6.08
CA LEU A 184 -14.80 -4.69 7.01
C LEU A 184 -14.59 -5.28 8.40
N ASP A 185 -13.73 -4.63 9.17
CA ASP A 185 -13.32 -5.07 10.51
C ASP A 185 -14.51 -4.97 11.47
N CYS A 186 -14.52 -5.78 12.53
CA CYS A 186 -15.53 -5.61 13.59
C CYS A 186 -15.13 -4.45 14.54
N PRO A 187 -16.09 -3.91 15.31
CA PRO A 187 -15.78 -2.91 16.34
C PRO A 187 -14.91 -3.56 17.41
N HIS A 188 -14.04 -2.75 17.98
CA HIS A 188 -13.10 -3.20 19.00
C HIS A 188 -13.36 -2.42 20.27
N TYR A 189 -13.12 -3.05 21.41
CA TYR A 189 -13.34 -2.39 22.72
C TYR A 189 -12.20 -2.71 23.66
N THR A 190 -11.80 -1.73 24.46
CA THR A 190 -10.84 -1.96 25.51
C THR A 190 -11.29 -1.16 26.76
N ARG A 191 -10.46 -1.08 27.78
CA ARG A 191 -10.87 -0.40 29.03
C ARG A 191 -11.13 1.07 28.74
N PRO A 192 -12.07 1.69 29.46
CA PRO A 192 -12.87 1.14 30.57
C PRO A 192 -14.16 0.47 30.14
N GLU A 193 -14.81 -0.18 31.11
CA GLU A 193 -15.99 -0.92 30.79
C GLU A 193 -17.12 0.04 30.38
N VAL A 194 -17.08 1.26 30.91
CA VAL A 194 -18.06 2.28 30.55
C VAL A 194 -17.38 3.58 30.18
N LEU A 195 -17.69 4.09 28.98
CA LEU A 195 -17.03 5.28 28.47
C LEU A 195 -18.07 6.28 27.93
N GLU A 196 -18.07 7.47 28.52
CA GLU A 196 -19.16 8.43 28.36
C GLU A 196 -20.55 7.76 28.29
N GLY A 197 -20.78 6.81 29.18
CA GLY A 197 -22.10 6.19 29.29
C GLY A 197 -22.33 5.00 28.38
N LEU A 198 -21.36 4.73 27.51
CA LEU A 198 -21.44 3.65 26.52
C LEU A 198 -20.72 2.45 27.12
N THR A 199 -21.41 1.33 27.20
CA THR A 199 -20.89 0.11 27.79
C THR A 199 -20.31 -0.82 26.76
N VAL A 200 -19.36 -1.65 27.14
CA VAL A 200 -18.88 -2.71 26.27
C VAL A 200 -20.00 -3.76 26.06
N PRO A 201 -20.25 -4.21 24.81
CA PRO A 201 -21.19 -5.33 24.64
C PRO A 201 -20.88 -6.53 25.55
N PRO A 202 -21.88 -6.97 26.35
CA PRO A 202 -21.70 -8.01 27.37
C PRO A 202 -21.13 -9.29 26.80
N VAL A 203 -21.45 -9.66 25.57
CA VAL A 203 -20.88 -10.87 24.99
C VAL A 203 -19.34 -10.88 25.05
N LEU A 204 -18.71 -9.70 24.92
CA LEU A 204 -17.25 -9.63 24.96
C LEU A 204 -16.71 -9.81 26.37
N MET A 205 -17.56 -9.62 27.37
CA MET A 205 -17.16 -9.88 28.76
C MET A 205 -17.41 -11.31 29.18
N SER A 206 -18.17 -12.05 28.37
CA SER A 206 -18.66 -13.39 28.72
C SER A 206 -17.58 -14.46 28.83
N GLY A 207 -16.48 -14.31 28.10
CA GLY A 207 -15.48 -15.37 28.04
C GLY A 207 -15.92 -16.55 27.18
N HIS A 208 -17.05 -16.41 26.49
CA HIS A 208 -17.54 -17.46 25.62
C HIS A 208 -16.93 -17.28 24.24
N HIS A 209 -15.81 -17.96 24.00
CA HIS A 209 -15.01 -17.75 22.78
C HIS A 209 -15.79 -17.93 21.47
N GLU A 210 -16.62 -18.96 21.40
CA GLU A 210 -17.38 -19.19 20.20
C GLU A 210 -18.46 -18.11 19.99
N GLU A 211 -19.15 -17.72 21.06
CA GLU A 211 -20.14 -16.63 20.93
C GLU A 211 -19.42 -15.34 20.50
N ILE A 212 -18.21 -15.12 21.02
CA ILE A 212 -17.47 -13.88 20.69
C ILE A 212 -17.05 -13.90 19.23
N ARG A 213 -16.52 -15.04 18.76
CA ARG A 213 -16.20 -15.17 17.34
C ARG A 213 -17.41 -14.82 16.45
N LYS A 214 -18.55 -15.41 16.75
CA LYS A 214 -19.74 -15.25 15.93
C LYS A 214 -20.25 -13.80 15.95
N TRP A 215 -20.28 -13.20 17.15
CA TRP A 215 -20.64 -11.79 17.27
C TRP A 215 -19.72 -10.91 16.41
N ARG A 216 -18.41 -11.13 16.49
CA ARG A 216 -17.48 -10.34 15.67
C ARG A 216 -17.75 -10.53 14.20
N LEU A 217 -18.01 -11.77 13.79
CA LEU A 217 -18.20 -12.03 12.38
C LEU A 217 -19.51 -11.43 11.90
N LYS A 218 -20.55 -11.54 12.72
CA LYS A 218 -21.82 -10.90 12.43
C LYS A 218 -21.67 -9.38 12.30
N GLN A 219 -20.96 -8.77 13.26
CA GLN A 219 -20.70 -7.32 13.16
C GLN A 219 -19.96 -6.95 11.85
N SER A 220 -18.97 -7.73 11.46
CA SER A 220 -18.25 -7.41 10.20
C SER A 220 -19.22 -7.50 9.00
N LEU A 221 -20.04 -8.56 9.00
CA LEU A 221 -21.03 -8.72 7.92
C LEU A 221 -22.00 -7.56 7.91
N GLN A 222 -22.53 -7.19 9.09
CA GLN A 222 -23.44 -6.03 9.18
C GLN A 222 -22.82 -4.70 8.69
N ARG A 223 -21.60 -4.44 9.13
CA ARG A 223 -20.93 -3.17 8.78
C ARG A 223 -20.59 -3.18 7.29
N THR A 224 -20.18 -4.32 6.75
CA THR A 224 -19.88 -4.39 5.29
C THR A 224 -21.16 -4.14 4.48
N TRP A 225 -22.26 -4.77 4.90
CA TRP A 225 -23.55 -4.57 4.24
C TRP A 225 -24.03 -3.12 4.29
N LEU A 226 -23.97 -2.50 5.46
CA LEU A 226 -24.43 -1.12 5.63
C LEU A 226 -23.50 -0.10 4.94
N ARG A 227 -22.19 -0.29 5.03
CA ARG A 227 -21.28 0.72 4.49
C ARG A 227 -20.75 0.45 3.11
N ARG A 228 -20.53 -0.81 2.76
CA ARG A 228 -19.89 -1.18 1.52
C ARG A 228 -20.59 -2.39 0.90
N PRO A 229 -21.86 -2.23 0.53
CA PRO A 229 -22.58 -3.44 0.14
C PRO A 229 -22.01 -4.06 -1.13
N GLU A 230 -21.34 -3.25 -1.94
CA GLU A 230 -20.74 -3.78 -3.18
C GLU A 230 -19.64 -4.79 -2.87
N LEU A 231 -18.97 -4.67 -1.73
CA LEU A 231 -17.97 -5.65 -1.36
C LEU A 231 -18.57 -7.04 -1.12
N LEU A 232 -19.82 -7.10 -0.64
CA LEU A 232 -20.42 -8.41 -0.40
C LEU A 232 -20.66 -9.18 -1.69
N GLU A 233 -21.02 -8.45 -2.75
CA GLU A 233 -21.28 -9.06 -4.04
C GLU A 233 -20.10 -9.88 -4.58
N GLY A 234 -18.89 -9.59 -4.12
CA GLY A 234 -17.71 -10.27 -4.62
C GLY A 234 -17.34 -11.49 -3.79
N LEU A 235 -18.19 -11.83 -2.83
CA LEU A 235 -17.86 -12.91 -1.91
C LEU A 235 -18.80 -14.09 -2.11
N ALA A 236 -18.27 -15.28 -1.81
CA ALA A 236 -19.07 -16.49 -1.72
C ALA A 236 -19.21 -16.78 -0.23
N LEU A 237 -20.28 -16.27 0.38
CA LEU A 237 -20.42 -16.42 1.82
C LEU A 237 -20.55 -17.88 2.26
N THR A 238 -19.94 -18.21 3.40
CA THR A 238 -20.15 -19.53 4.00
C THR A 238 -21.60 -19.64 4.50
N ASP A 239 -22.09 -20.86 4.74
CA ASP A 239 -23.43 -21.02 5.33
C ASP A 239 -23.53 -20.15 6.60
N GLU A 240 -22.46 -20.17 7.41
CA GLU A 240 -22.51 -19.44 8.66
C GLU A 240 -22.62 -17.96 8.41
N GLN A 241 -21.85 -17.46 7.45
CA GLN A 241 -21.89 -16.03 7.14
C GLN A 241 -23.25 -15.64 6.59
N ARG A 242 -23.84 -16.48 5.72
CA ARG A 242 -25.17 -16.18 5.17
C ARG A 242 -26.18 -16.08 6.32
N LYS A 243 -26.11 -17.03 7.25
CA LYS A 243 -26.99 -17.01 8.42
C LYS A 243 -26.84 -15.72 9.23
N LEU A 244 -25.60 -15.38 9.63
CA LEU A 244 -25.34 -14.22 10.47
C LEU A 244 -25.71 -12.92 9.76
N LEU A 245 -25.48 -12.87 8.45
CA LEU A 245 -25.87 -11.70 7.68
C LEU A 245 -27.40 -11.57 7.64
N LYS A 246 -28.10 -12.67 7.41
CA LYS A 246 -29.57 -12.66 7.45
C LYS A 246 -30.04 -12.16 8.81
N GLU A 247 -29.43 -12.65 9.89
CA GLU A 247 -29.79 -12.16 11.24
C GLU A 247 -29.57 -10.65 11.40
N ALA A 248 -28.42 -10.17 10.98
CA ALA A 248 -28.07 -8.75 11.11
C ALA A 248 -29.08 -7.88 10.33
N GLN A 249 -29.42 -8.33 9.13
CA GLN A 249 -30.38 -7.64 8.27
C GLN A 249 -31.80 -7.65 8.89
N ALA A 250 -32.20 -8.74 9.53
CA ALA A 250 -33.50 -8.78 10.19
C ALA A 250 -33.53 -7.88 11.43
N GLU A 251 -32.46 -7.88 12.21
CA GLU A 251 -32.38 -7.00 13.35
C GLU A 251 -32.40 -5.55 12.90
N HIS A 252 -31.70 -5.26 11.81
CA HIS A 252 -31.69 -3.90 11.28
C HIS A 252 -33.08 -3.44 10.88
N ASN A 253 -33.85 -4.35 10.31
CA ASN A 253 -35.23 -4.09 9.91
C ASN A 253 -36.21 -4.32 11.07
N SER A 254 -35.64 -4.39 12.27
CA SER A 254 -36.33 -4.69 13.53
C SER A 254 -37.13 -5.98 13.46
C5 4GT B . -1.37 10.04 -7.08
C4 4GT B . -0.81 8.77 -7.09
C15 4GT B . 0.56 8.55 -7.50
C7 4GT B . 0.66 10.85 -7.88
C2 4GT B . -1.71 7.57 -6.70
C11 4GT B . 2.84 12.09 -11.27
C12 4GT B . 3.51 13.28 -10.60
C10 4GT B . 2.62 11.06 -10.18
C13 4GT B . 3.24 13.16 -9.14
C9 4GT B . 2.75 11.79 -8.89
N6 4GT B . -0.63 11.11 -7.46
N14 4GT B . 1.25 9.63 -7.86
N16 4GT B . 1.20 7.25 -7.52
N1 4GT B . -3.12 7.80 -6.48
N8 4GT B . 1.44 11.97 -8.28
O3 4GT B . -1.24 6.43 -6.62
#